data_5WCG
#
_entry.id   5WCG
#
_cell.length_a   92.343
_cell.length_b   98.312
_cell.length_c   58.833
_cell.angle_alpha   90.000
_cell.angle_beta   101.950
_cell.angle_gamma   90.000
#
_symmetry.space_group_name_H-M   'C 1 2 1'
#
loop_
_entity.id
_entity.type
_entity.pdbx_description
1 polymer 'N-lysine methyltransferase SMYD2'
2 non-polymer 'ZINC ION'
3 non-polymer [3-(6-amino-2-methyl-9H-purin-9-yl)azetidin-1-yl]{5-[(4-cycloheptylpiperazin-1-yl)methyl]-1-methyl-1H-pyrazol-3-yl}methanone
4 non-polymer 'DIMETHYL SULFOXIDE'
5 non-polymer 2-AMINO-2-HYDROXYMETHYL-PROPANE-1,3-DIOL
6 non-polymer 'UNKNOWN ATOM OR ION'
7 water water
#
_entity_poly.entity_id   1
_entity_poly.type   'polypeptide(L)'
_entity_poly.pdbx_seq_one_letter_code
;MRAEGLGGLERFCSPGKGRGLRALQPFQVGDLLFSCPAYAYVLTVNERGNHCEYCFTRKEGLSKCGRCKQAFYCNVECQK
EDWPMHKLECSPMVVFGENWNPSETVRLTARILAKQKIHPERTPSEKLLAVKEFESHLDKLDNEKKDLIQSDIAALHHFY
SKHLEFPDNDSLVVLFAQVNCNGFTIEDEELSHLGSAIFPDVALMNHSCCPNVIVTYKGTLAEVRAVQEIKPGEEVFTSY
IDLLYPTEDRNDRLRDSYFFTCECQECTTKDKDKAKVEIRKLSDPPKAEAIRDMVRYARNVIEEFRRAKHYKSPSELLEI
CELSQEKMSSVFEDSNVYMLHMMYQAMGVCLYMQDWEGALQYGQKIIKPYSKHYPLYSLNVASMWLKLGRLYMGLEHKAA
GEKALKKAIAIMEVAHGKDHPYISEIKQEIESH
;
_entity_poly.pdbx_strand_id   A
#
# COMPACT_ATOMS: atom_id res chain seq x y z
N ARG A 2 14.43 17.61 -17.46
CA ARG A 2 15.40 17.20 -16.39
C ARG A 2 15.61 15.68 -16.48
N ALA A 3 16.87 15.29 -16.73
CA ALA A 3 17.27 13.90 -16.99
C ALA A 3 18.33 13.39 -15.97
N GLU A 4 18.70 12.11 -16.10
CA GLU A 4 19.35 11.25 -15.06
C GLU A 4 18.62 11.31 -13.71
N LEU A 6 17.68 8.96 -14.82
CA LEU A 6 17.15 7.66 -15.06
C LEU A 6 17.02 7.54 -16.57
N GLY A 7 17.72 6.58 -17.16
CA GLY A 7 17.79 6.47 -18.61
C GLY A 7 16.44 6.15 -19.22
N GLY A 8 16.21 6.70 -20.41
CA GLY A 8 14.93 6.56 -21.08
C GLY A 8 13.78 7.35 -20.48
N LEU A 9 14.07 8.22 -19.50
CA LEU A 9 13.01 8.99 -18.81
C LEU A 9 13.43 10.43 -18.57
N GLU A 10 12.47 11.31 -18.41
CA GLU A 10 12.78 12.65 -17.92
C GLU A 10 11.64 13.24 -17.13
N ARG A 11 12.00 14.14 -16.25
CA ARG A 11 11.05 15.02 -15.58
C ARG A 11 10.58 16.11 -16.52
N PHE A 12 9.28 16.44 -16.47
CA PHE A 12 8.71 17.51 -17.30
C PHE A 12 7.48 18.11 -16.60
N CYS A 13 6.92 19.14 -17.23
CA CYS A 13 5.70 19.81 -16.78
C CYS A 13 4.53 19.23 -17.58
N SER A 14 3.69 18.47 -16.89
CA SER A 14 2.52 17.86 -17.49
C SER A 14 1.39 18.89 -17.49
N PRO A 15 0.88 19.25 -18.70
CA PRO A 15 -0.18 20.28 -18.77
C PRO A 15 -1.44 19.93 -17.99
N GLY A 16 -1.87 20.88 -17.17
CA GLY A 16 -3.01 20.70 -16.31
C GLY A 16 -2.73 19.97 -15.00
N LYS A 17 -1.52 19.44 -14.82
CA LYS A 17 -1.19 18.57 -13.67
C LYS A 17 0.00 19.03 -12.85
N GLY A 18 1.08 19.46 -13.50
CA GLY A 18 2.29 19.87 -12.79
C GLY A 18 3.40 18.94 -13.14
N ARG A 19 4.46 18.98 -12.32
CA ARG A 19 5.63 18.14 -12.55
C ARG A 19 5.29 16.66 -12.70
N GLY A 20 5.99 15.98 -13.60
CA GLY A 20 5.76 14.58 -13.86
C GLY A 20 6.92 13.91 -14.53
N LEU A 21 6.69 12.69 -15.00
CA LEU A 21 7.68 11.84 -15.61
C LEU A 21 7.19 11.38 -16.96
N ARG A 22 8.05 11.52 -17.97
CA ARG A 22 7.75 10.97 -19.29
C ARG A 22 8.83 10.08 -19.88
N ALA A 23 8.40 9.17 -20.73
CA ALA A 23 9.29 8.22 -21.40
C ALA A 23 10.00 8.90 -22.55
N LEU A 24 11.26 8.57 -22.75
CA LEU A 24 12.00 8.96 -23.96
C LEU A 24 12.21 7.80 -24.94
N GLN A 25 11.85 6.58 -24.53
CA GLN A 25 12.05 5.36 -25.31
C GLN A 25 10.81 4.51 -25.12
N PRO A 26 10.59 3.53 -26.01
CA PRO A 26 9.43 2.69 -25.76
C PRO A 26 9.67 1.77 -24.56
N PHE A 27 8.58 1.40 -23.89
CA PHE A 27 8.62 0.32 -22.91
C PHE A 27 7.47 -0.61 -23.23
N GLN A 28 7.75 -1.91 -23.22
CA GLN A 28 6.72 -2.93 -23.41
C GLN A 28 6.23 -3.44 -22.06
N VAL A 29 5.09 -4.11 -22.09
CA VAL A 29 4.51 -4.70 -20.89
C VAL A 29 5.55 -5.57 -20.18
N GLY A 30 5.75 -5.29 -18.90
CA GLY A 30 6.73 -6.04 -18.10
C GLY A 30 8.14 -5.46 -18.06
N ASP A 31 8.44 -4.43 -18.85
CA ASP A 31 9.78 -3.82 -18.83
C ASP A 31 9.96 -2.99 -17.54
N LEU A 32 11.18 -3.01 -17.01
CA LEU A 32 11.53 -2.23 -15.83
C LEU A 32 11.90 -0.82 -16.29
N LEU A 33 11.12 0.19 -15.88
CA LEU A 33 11.43 1.58 -16.18
C LEU A 33 12.56 2.10 -15.31
N PHE A 34 12.39 1.97 -14.00
CA PHE A 34 13.45 2.32 -13.05
C PHE A 34 13.25 1.62 -11.72
N SER A 35 14.30 1.64 -10.90
CA SER A 35 14.25 1.23 -9.52
C SER A 35 14.63 2.43 -8.66
N CYS A 36 14.10 2.48 -7.44
CA CYS A 36 14.40 3.58 -6.54
C CYS A 36 14.69 3.02 -5.14
N PRO A 37 15.95 3.18 -4.65
CA PRO A 37 16.27 2.73 -3.30
C PRO A 37 15.52 3.62 -2.31
N ALA A 38 15.12 3.06 -1.17
CA ALA A 38 14.41 3.81 -0.14
C ALA A 38 15.29 4.93 0.42
N TYR A 39 14.77 6.15 0.50
CA TYR A 39 15.49 7.27 1.15
C TYR A 39 15.54 7.02 2.66
N ALA A 40 14.43 6.56 3.20
CA ALA A 40 14.31 6.11 4.58
C ALA A 40 13.19 5.09 4.64
N TYR A 41 13.30 4.18 5.60
CA TYR A 41 12.32 3.10 5.71
C TYR A 41 12.32 2.50 7.10
N VAL A 42 11.26 1.79 7.43
CA VAL A 42 11.17 1.16 8.73
C VAL A 42 10.32 -0.08 8.60
N LEU A 43 10.79 -1.18 9.22
CA LEU A 43 10.05 -2.41 9.26
C LEU A 43 8.95 -2.28 10.30
N THR A 44 7.74 -2.72 9.96
CA THR A 44 6.63 -2.57 10.89
C THR A 44 6.83 -3.49 12.12
N VAL A 45 6.36 -3.06 13.28
CA VAL A 45 6.64 -3.77 14.55
C VAL A 45 6.20 -5.24 14.53
N ASN A 46 4.98 -5.51 14.05
CA ASN A 46 4.47 -6.88 13.93
C ASN A 46 5.23 -7.82 12.97
N GLU A 47 6.15 -7.31 12.15
CA GLU A 47 7.02 -8.19 11.35
C GLU A 47 8.43 -8.41 11.92
N ARG A 48 8.71 -7.85 13.09
CA ARG A 48 10.00 -8.05 13.75
C ARG A 48 10.25 -9.54 13.98
N GLY A 49 11.43 -10.04 13.67
CA GLY A 49 11.71 -11.47 13.81
C GLY A 49 11.42 -12.33 12.59
N ASN A 50 10.55 -11.86 11.68
CA ASN A 50 10.27 -12.52 10.40
C ASN A 50 11.14 -11.97 9.26
N HIS A 51 11.53 -10.69 9.36
CA HIS A 51 12.31 -9.99 8.32
C HIS A 51 13.53 -9.33 8.94
N CYS A 52 14.62 -9.26 8.17
CA CYS A 52 15.78 -8.46 8.55
C CYS A 52 15.40 -6.96 8.56
N GLU A 53 15.75 -6.25 9.63
CA GLU A 53 15.40 -4.82 9.76
C GLU A 53 16.12 -4.00 8.71
N TYR A 54 17.32 -4.43 8.31
CA TYR A 54 18.10 -3.64 7.37
C TYR A 54 17.69 -3.86 5.93
N CYS A 55 17.58 -5.11 5.51
CA CYS A 55 17.36 -5.40 4.09
C CYS A 55 15.99 -6.00 3.77
N PHE A 56 15.17 -6.28 4.78
CA PHE A 56 13.83 -6.86 4.63
C PHE A 56 13.77 -8.31 4.09
N THR A 57 14.90 -9.02 4.02
CA THR A 57 14.90 -10.44 3.67
C THR A 57 14.05 -11.20 4.68
N ARG A 58 13.11 -11.99 4.16
CA ARG A 58 12.24 -12.83 4.95
C ARG A 58 12.84 -14.25 5.03
N LYS A 59 13.30 -14.65 6.20
CA LYS A 59 13.90 -15.97 6.40
C LYS A 59 13.87 -16.36 7.86
N GLU A 60 14.17 -17.63 8.13
CA GLU A 60 14.33 -18.16 9.48
C GLU A 60 15.74 -17.88 9.98
N GLY A 61 15.92 -18.01 11.28
CA GLY A 61 17.25 -17.96 11.87
C GLY A 61 17.92 -16.61 11.81
N LEU A 62 17.15 -15.55 11.99
CA LEU A 62 17.71 -14.22 12.09
C LEU A 62 18.27 -14.03 13.48
N SER A 63 19.39 -13.35 13.57
CA SER A 63 19.99 -13.06 14.87
C SER A 63 19.46 -11.72 15.43
N LYS A 64 19.58 -11.60 16.74
CA LYS A 64 18.90 -10.61 17.56
C LYS A 64 19.87 -9.52 17.94
N CYS A 65 19.40 -8.28 18.06
CA CYS A 65 20.18 -7.22 18.73
C CYS A 65 20.29 -7.57 20.22
N GLY A 66 21.51 -7.72 20.71
CA GLY A 66 21.73 -8.11 22.12
C GLY A 66 21.32 -7.06 23.13
N ARG A 67 21.26 -5.79 22.70
CA ARG A 67 20.95 -4.70 23.63
C ARG A 67 19.47 -4.62 23.91
N CYS A 68 18.65 -4.59 22.85
CA CYS A 68 17.20 -4.42 23.02
C CYS A 68 16.41 -5.70 22.81
N LYS A 69 16.98 -6.67 22.11
CA LYS A 69 16.29 -7.93 21.80
C LYS A 69 15.03 -7.76 20.92
N GLN A 70 14.88 -6.60 20.27
CA GLN A 70 13.68 -6.32 19.47
C GLN A 70 13.99 -5.96 18.02
N ALA A 71 15.24 -6.13 17.60
CA ALA A 71 15.59 -5.95 16.19
C ALA A 71 16.35 -7.19 15.71
N PHE A 72 15.98 -7.70 14.54
CA PHE A 72 16.57 -8.93 13.97
C PHE A 72 17.18 -8.67 12.62
N TYR A 73 18.22 -9.46 12.31
CA TYR A 73 19.13 -9.23 11.18
C TYR A 73 19.58 -10.55 10.54
N CYS A 74 19.91 -10.51 9.24
CA CYS A 74 20.49 -11.70 8.55
C CYS A 74 21.80 -12.15 9.20
N ASN A 75 22.61 -11.17 9.59
CA ASN A 75 23.95 -11.41 10.09
C ASN A 75 24.49 -10.10 10.66
N VAL A 76 25.73 -10.15 11.16
CA VAL A 76 26.36 -8.97 11.75
C VAL A 76 26.60 -7.81 10.80
N GLU A 77 26.75 -8.06 9.50
CA GLU A 77 26.89 -6.96 8.53
C GLU A 77 25.60 -6.14 8.39
N CYS A 78 24.46 -6.83 8.30
CA CYS A 78 23.15 -6.16 8.24
C CYS A 78 22.92 -5.36 9.53
N GLN A 79 23.27 -5.96 10.66
CA GLN A 79 23.11 -5.35 11.96
C GLN A 79 23.93 -4.08 12.09
N LYS A 80 25.19 -4.13 11.67
CA LYS A 80 26.10 -2.97 11.74
C LYS A 80 25.65 -1.85 10.80
N GLU A 81 25.18 -2.21 9.59
CA GLU A 81 24.71 -1.20 8.63
C GLU A 81 23.40 -0.55 9.09
N ASP A 82 22.57 -1.29 9.82
CA ASP A 82 21.34 -0.72 10.36
C ASP A 82 21.57 0.17 11.58
N TRP A 83 22.74 0.10 12.20
CA TRP A 83 22.96 0.74 13.53
C TRP A 83 22.66 2.26 13.60
N PRO A 84 23.10 3.05 12.59
CA PRO A 84 22.75 4.49 12.57
C PRO A 84 21.23 4.79 12.71
N MET A 85 20.36 3.95 12.14
CA MET A 85 18.92 4.13 12.27
C MET A 85 18.40 3.43 13.51
N HIS A 86 18.83 2.20 13.73
CA HIS A 86 18.36 1.44 14.90
C HIS A 86 18.68 2.11 16.25
N LYS A 87 19.79 2.82 16.35
CA LYS A 87 20.17 3.44 17.61
C LYS A 87 19.22 4.57 18.05
N LEU A 88 18.44 5.09 17.11
CA LEU A 88 17.32 5.96 17.41
C LEU A 88 16.28 5.31 18.32
N GLU A 89 16.14 3.99 18.24
CA GLU A 89 15.12 3.25 18.99
C GLU A 89 15.63 2.25 20.00
N CYS A 90 16.90 1.85 19.93
CA CYS A 90 17.38 0.72 20.71
C CYS A 90 17.24 1.00 22.23
N SER A 91 17.93 2.03 22.72
N SER A 91 17.92 2.03 22.71
CA SER A 91 17.82 2.38 24.15
CA SER A 91 17.84 2.39 24.12
C SER A 91 16.40 2.81 24.54
C SER A 91 16.43 2.86 24.55
N PRO A 92 15.71 3.59 23.68
CA PRO A 92 14.31 3.93 24.04
C PRO A 92 13.36 2.76 24.28
N MET A 93 13.50 1.71 23.48
CA MET A 93 12.74 0.48 23.69
C MET A 93 13.04 -0.20 25.02
N VAL A 94 14.29 -0.12 25.45
CA VAL A 94 14.72 -0.66 26.74
C VAL A 94 14.16 0.24 27.84
N VAL A 95 14.35 1.55 27.72
CA VAL A 95 13.88 2.50 28.75
C VAL A 95 12.35 2.47 28.90
N PHE A 96 11.60 2.57 27.80
CA PHE A 96 10.14 2.64 27.86
C PHE A 96 9.46 1.29 27.95
N GLY A 97 10.17 0.20 27.59
CA GLY A 97 9.61 -1.16 27.67
C GLY A 97 8.29 -1.27 26.92
N GLU A 98 7.26 -1.79 27.57
CA GLU A 98 5.98 -1.99 26.92
C GLU A 98 5.26 -0.68 26.52
N ASN A 99 5.63 0.47 27.08
CA ASN A 99 5.05 1.76 26.66
C ASN A 99 5.85 2.48 25.55
N TRP A 100 6.86 1.85 24.96
CA TRP A 100 7.45 2.36 23.71
C TRP A 100 6.42 2.12 22.61
N ASN A 101 5.82 3.19 22.10
CA ASN A 101 4.75 3.07 21.13
C ASN A 101 4.57 4.29 20.18
N PRO A 102 5.65 4.78 19.56
CA PRO A 102 5.46 5.82 18.52
C PRO A 102 4.71 5.26 17.30
N SER A 103 3.86 6.05 16.66
CA SER A 103 3.23 5.61 15.41
C SER A 103 4.30 5.35 14.35
N GLU A 104 3.98 4.53 13.34
CA GLU A 104 4.91 4.29 12.24
C GLU A 104 5.29 5.61 11.49
N THR A 105 4.37 6.55 11.38
CA THR A 105 4.67 7.87 10.82
C THR A 105 5.78 8.56 11.60
N VAL A 106 5.69 8.50 12.93
CA VAL A 106 6.68 9.10 13.79
C VAL A 106 8.03 8.39 13.66
N ARG A 107 8.00 7.07 13.64
CA ARG A 107 9.19 6.26 13.37
C ARG A 107 9.89 6.60 12.06
N LEU A 108 9.12 6.73 10.99
CA LEU A 108 9.70 7.06 9.69
C LEU A 108 10.26 8.48 9.66
N THR A 109 9.55 9.41 10.29
CA THR A 109 9.99 10.80 10.33
C THR A 109 11.32 10.96 11.09
N ALA A 110 11.49 10.21 12.18
CA ALA A 110 12.76 10.22 12.91
C ALA A 110 13.91 9.81 12.00
N ARG A 111 13.71 8.75 11.22
CA ARG A 111 14.72 8.28 10.26
C ARG A 111 15.04 9.30 9.17
N ILE A 112 14.04 9.99 8.67
CA ILE A 112 14.26 11.07 7.70
C ILE A 112 15.18 12.14 8.31
N LEU A 113 14.87 12.56 9.52
CA LEU A 113 15.69 13.53 10.22
C LEU A 113 17.12 13.05 10.43
N ALA A 114 17.32 11.79 10.81
CA ALA A 114 18.69 11.26 10.96
C ALA A 114 19.39 11.24 9.59
N LYS A 115 18.65 10.83 8.55
CA LYS A 115 19.20 10.79 7.20
CA LYS A 115 19.20 10.79 7.19
C LYS A 115 19.64 12.18 6.72
N GLN A 116 18.84 13.21 6.99
CA GLN A 116 19.19 14.57 6.64
C GLN A 116 20.48 15.06 7.34
N LYS A 117 20.64 14.68 8.59
CA LYS A 117 21.82 14.99 9.38
C LYS A 117 23.07 14.27 8.83
N ILE A 118 22.99 12.97 8.59
CA ILE A 118 24.14 12.17 8.15
CA ILE A 118 24.14 12.19 8.15
C ILE A 118 24.46 12.38 6.66
N HIS A 119 23.43 12.59 5.84
CA HIS A 119 23.58 12.68 4.39
C HIS A 119 22.80 13.87 3.84
N PRO A 120 23.28 15.10 4.12
CA PRO A 120 22.50 16.28 3.72
C PRO A 120 22.42 16.48 2.20
N GLU A 121 23.39 15.99 1.48
CA GLU A 121 23.42 16.12 0.03
C GLU A 121 22.39 15.21 -0.67
N ARG A 122 22.13 15.49 -1.95
CA ARG A 122 21.22 14.68 -2.76
C ARG A 122 21.61 13.19 -2.71
N THR A 123 20.64 12.30 -2.48
CA THR A 123 20.91 10.86 -2.45
C THR A 123 20.59 10.20 -3.79
N PRO A 124 20.99 8.93 -3.99
CA PRO A 124 20.55 8.21 -5.20
C PRO A 124 19.01 7.96 -5.29
N SER A 125 18.28 8.10 -4.19
CA SER A 125 16.83 8.02 -4.16
CA SER A 125 16.83 7.99 -4.22
C SER A 125 16.18 9.26 -4.76
N GLU A 126 16.97 10.33 -4.94
CA GLU A 126 16.45 11.65 -5.34
C GLU A 126 17.05 12.16 -6.66
N LYS A 127 17.15 11.29 -7.67
CA LYS A 127 17.69 11.71 -8.97
C LYS A 127 16.86 12.82 -9.67
N LEU A 128 15.53 12.79 -9.57
CA LEU A 128 14.69 13.79 -10.25
C LEU A 128 13.78 14.58 -9.33
N LEU A 129 13.57 14.11 -8.12
CA LEU A 129 12.77 14.82 -7.16
C LEU A 129 13.40 14.62 -5.80
N ALA A 130 13.57 15.73 -5.08
CA ALA A 130 14.16 15.74 -3.75
C ALA A 130 13.06 15.71 -2.70
N VAL A 131 13.38 15.13 -1.54
CA VAL A 131 12.46 15.15 -0.39
C VAL A 131 12.04 16.58 0.00
N LYS A 132 12.97 17.53 -0.03
N LYS A 132 12.98 17.52 -0.05
CA LYS A 132 12.66 18.92 0.30
CA LYS A 132 12.70 18.92 0.27
C LYS A 132 11.60 19.51 -0.63
C LYS A 132 11.64 19.52 -0.64
N GLU A 133 11.51 19.03 -1.87
CA GLU A 133 10.47 19.49 -2.81
C GLU A 133 9.10 18.77 -2.69
N PHE A 134 8.94 17.86 -1.73
CA PHE A 134 7.68 17.15 -1.59
C PHE A 134 6.55 18.11 -1.31
N GLU A 135 5.40 17.83 -1.89
CA GLU A 135 4.16 18.51 -1.55
C GLU A 135 3.80 18.21 -0.09
N SER A 136 3.36 19.24 0.63
CA SER A 136 2.82 19.13 1.97
C SER A 136 1.32 19.33 2.01
N HIS A 137 0.76 20.09 1.06
CA HIS A 137 -0.64 20.53 1.13
C HIS A 137 -1.05 21.22 2.44
N LEU A 138 -0.09 21.87 3.09
CA LEU A 138 -0.30 22.34 4.46
C LEU A 138 -1.46 23.36 4.56
N ASP A 139 -1.51 24.29 3.58
CA ASP A 139 -2.56 25.30 3.46
C ASP A 139 -3.98 24.77 3.26
N LYS A 140 -4.13 23.50 2.89
CA LYS A 140 -5.44 22.90 2.65
C LYS A 140 -5.90 22.03 3.81
N LEU A 141 -5.05 21.82 4.81
CA LEU A 141 -5.40 20.88 5.90
C LEU A 141 -6.31 21.57 6.92
N ASP A 142 -7.30 20.86 7.45
CA ASP A 142 -8.11 21.41 8.54
C ASP A 142 -7.40 21.35 9.91
N ASN A 143 -8.00 21.98 10.90
CA ASN A 143 -7.42 22.01 12.24
C ASN A 143 -7.33 20.65 12.94
N GLU A 144 -8.22 19.72 12.59
CA GLU A 144 -8.15 18.36 13.14
C GLU A 144 -6.86 17.68 12.72
N LYS A 145 -6.54 17.80 11.44
CA LYS A 145 -5.31 17.22 10.90
C LYS A 145 -4.08 17.94 11.46
N LYS A 146 -4.14 19.27 11.56
CA LYS A 146 -3.05 20.02 12.15
C LYS A 146 -2.82 19.71 13.64
N ASP A 147 -3.90 19.41 14.36
CA ASP A 147 -3.78 18.96 15.75
C ASP A 147 -3.12 17.58 15.83
N LEU A 148 -3.41 16.69 14.90
CA LEU A 148 -2.75 15.37 14.85
C LEU A 148 -1.28 15.52 14.52
N ILE A 149 -0.95 16.50 13.67
CA ILE A 149 0.46 16.79 13.41
C ILE A 149 1.18 17.25 14.68
N GLN A 150 0.56 18.16 15.43
CA GLN A 150 1.12 18.58 16.72
C GLN A 150 1.31 17.41 17.70
N SER A 151 0.39 16.45 17.72
CA SER A 151 0.55 15.23 18.53
C SER A 151 1.70 14.36 18.06
N ASP A 152 1.86 14.23 16.76
CA ASP A 152 3.05 13.54 16.21
C ASP A 152 4.36 14.23 16.60
N ILE A 153 4.40 15.55 16.58
CA ILE A 153 5.58 16.29 16.99
C ILE A 153 5.86 16.00 18.49
N ALA A 154 4.78 16.02 19.28
CA ALA A 154 4.87 15.72 20.71
C ALA A 154 5.45 14.30 20.97
N ALA A 155 5.02 13.32 20.18
CA ALA A 155 5.45 11.95 20.32
C ALA A 155 6.88 11.74 19.84
N LEU A 156 7.21 12.43 18.76
CA LEU A 156 8.60 12.48 18.26
C LEU A 156 9.57 12.96 19.35
N HIS A 157 9.27 14.10 19.97
CA HIS A 157 10.06 14.61 21.11
C HIS A 157 10.13 13.62 22.28
N HIS A 158 8.99 13.02 22.60
CA HIS A 158 8.84 12.17 23.76
C HIS A 158 9.66 10.89 23.63
N PHE A 159 9.59 10.25 22.48
CA PHE A 159 10.27 8.95 22.27
C PHE A 159 11.69 9.04 21.73
N TYR A 160 12.06 10.13 21.08
CA TYR A 160 13.37 10.20 20.40
C TYR A 160 14.29 11.31 20.88
N SER A 161 13.93 12.05 21.93
CA SER A 161 14.75 13.24 22.29
C SER A 161 16.16 12.91 22.73
N LYS A 162 16.44 11.73 23.28
CA LYS A 162 17.82 11.47 23.68
C LYS A 162 18.75 11.27 22.46
N HIS A 163 18.18 11.05 21.28
CA HIS A 163 18.95 10.61 20.12
C HIS A 163 18.84 11.47 18.82
N LEU A 164 18.11 12.59 18.82
CA LEU A 164 18.00 13.48 17.64
C LEU A 164 18.01 14.93 18.09
N GLU A 165 18.60 15.82 17.30
CA GLU A 165 18.39 17.26 17.42
C GLU A 165 17.26 17.64 16.47
N PHE A 166 16.29 18.40 16.97
CA PHE A 166 15.08 18.66 16.22
C PHE A 166 15.15 20.02 15.57
N PRO A 167 14.67 20.17 14.34
CA PRO A 167 14.37 21.53 13.90
C PRO A 167 13.16 22.09 14.65
N ASP A 168 12.76 23.31 14.32
CA ASP A 168 11.70 23.98 15.04
C ASP A 168 10.33 23.39 14.67
N ASN A 169 9.32 23.77 15.46
CA ASN A 169 7.98 23.28 15.28
C ASN A 169 7.48 23.50 13.84
N ASP A 170 7.64 24.72 13.31
CA ASP A 170 7.25 25.06 11.94
C ASP A 170 7.79 24.08 10.86
N SER A 171 9.08 23.78 10.94
CA SER A 171 9.71 22.80 10.07
C SER A 171 9.16 21.40 10.23
N LEU A 172 8.88 21.00 11.47
CA LEU A 172 8.35 19.66 11.71
C LEU A 172 6.91 19.54 11.19
N VAL A 173 6.15 20.61 11.25
CA VAL A 173 4.77 20.62 10.73
C VAL A 173 4.78 20.35 9.24
N VAL A 174 5.66 21.05 8.53
CA VAL A 174 5.84 20.82 7.10
C VAL A 174 6.28 19.37 6.84
N LEU A 175 7.28 18.91 7.56
CA LEU A 175 7.79 17.57 7.31
C LEU A 175 6.75 16.47 7.53
N PHE A 176 6.05 16.55 8.66
CA PHE A 176 5.01 15.60 8.97
C PHE A 176 3.90 15.61 7.94
N ALA A 177 3.48 16.80 7.49
CA ALA A 177 2.52 16.91 6.41
C ALA A 177 3.03 16.24 5.11
N GLN A 178 4.31 16.46 4.80
CA GLN A 178 4.96 15.80 3.66
C GLN A 178 4.96 14.28 3.82
N VAL A 179 5.30 13.82 5.01
CA VAL A 179 5.31 12.37 5.26
C VAL A 179 3.90 11.77 5.14
N ASN A 180 2.87 12.44 5.70
CA ASN A 180 1.48 11.92 5.69
C ASN A 180 1.03 11.62 4.26
N CYS A 181 1.42 12.46 3.30
CA CYS A 181 0.91 12.31 1.94
C CYS A 181 1.88 11.71 0.92
N ASN A 182 3.18 11.65 1.23
CA ASN A 182 4.19 11.06 0.33
C ASN A 182 4.69 9.67 0.70
N GLY A 183 4.47 9.24 1.93
CA GLY A 183 4.97 7.95 2.40
C GLY A 183 4.28 6.79 1.71
N PHE A 184 5.08 5.79 1.37
CA PHE A 184 4.58 4.55 0.77
C PHE A 184 4.55 3.47 1.81
N THR A 185 3.73 2.47 1.54
N THR A 185 3.75 2.43 1.55
CA THR A 185 3.71 1.24 2.29
CA THR A 185 3.74 1.24 2.39
C THR A 185 4.46 0.22 1.46
C THR A 185 4.25 0.06 1.59
N ILE A 186 5.28 -0.60 2.11
CA ILE A 186 5.88 -1.78 1.49
C ILE A 186 5.04 -2.99 1.92
N GLU A 187 4.48 -3.72 0.94
CA GLU A 187 3.68 -4.90 1.19
C GLU A 187 4.35 -6.17 0.66
N ASP A 188 3.99 -7.30 1.23
CA ASP A 188 4.47 -8.59 0.73
C ASP A 188 3.57 -9.11 -0.40
N GLU A 189 3.78 -10.37 -0.79
CA GLU A 189 3.08 -10.98 -1.93
C GLU A 189 1.59 -11.19 -1.70
N GLU A 190 1.16 -11.25 -0.44
CA GLU A 190 -0.28 -11.29 -0.07
C GLU A 190 -0.84 -9.89 0.31
N LEU A 191 -0.11 -8.84 -0.05
CA LEU A 191 -0.39 -7.45 0.30
C LEU A 191 -0.45 -7.16 1.80
N SER A 192 0.21 -7.98 2.60
CA SER A 192 0.29 -7.78 4.02
C SER A 192 1.28 -6.61 4.26
N HIS A 193 1.00 -5.77 5.24
CA HIS A 193 1.83 -4.57 5.51
C HIS A 193 3.19 -4.97 6.09
N LEU A 194 4.29 -4.61 5.42
CA LEU A 194 5.62 -4.88 5.95
C LEU A 194 6.30 -3.71 6.62
N GLY A 195 6.05 -2.51 6.14
CA GLY A 195 6.71 -1.34 6.66
C GLY A 195 6.36 -0.12 5.80
N SER A 196 7.03 0.98 6.08
CA SER A 196 6.82 2.26 5.43
C SER A 196 8.13 2.80 4.90
N ALA A 197 8.06 3.57 3.82
CA ALA A 197 9.24 4.10 3.20
C ALA A 197 8.96 5.37 2.38
N ILE A 198 10.05 6.10 2.10
CA ILE A 198 10.03 7.27 1.27
C ILE A 198 10.78 6.90 0.02
N PHE A 199 10.13 7.06 -1.15
CA PHE A 199 10.72 6.79 -2.50
C PHE A 199 10.51 8.06 -3.34
N PRO A 200 11.47 9.00 -3.28
CA PRO A 200 11.25 10.33 -3.86
C PRO A 200 11.02 10.30 -5.36
N ASP A 201 11.82 9.53 -6.08
CA ASP A 201 11.64 9.44 -7.54
C ASP A 201 10.28 8.82 -7.99
N VAL A 202 9.74 7.92 -7.15
CA VAL A 202 8.44 7.31 -7.41
C VAL A 202 7.35 8.37 -7.22
N ALA A 203 7.53 9.24 -6.22
CA ALA A 203 6.58 10.27 -5.89
C ALA A 203 6.44 11.36 -6.99
N LEU A 204 7.31 11.33 -7.99
CA LEU A 204 7.19 12.25 -9.14
C LEU A 204 6.05 11.94 -10.09
N MET A 205 5.74 10.66 -10.23
CA MET A 205 4.69 10.22 -11.14
C MET A 205 3.29 10.75 -10.80
N ASN A 206 2.61 11.26 -11.83
CA ASN A 206 1.22 11.63 -11.75
C ASN A 206 0.29 10.40 -11.73
N HIS A 207 -0.97 10.67 -11.44
CA HIS A 207 -2.01 9.64 -11.26
C HIS A 207 -2.88 9.46 -12.48
N SER A 208 -3.20 8.21 -12.77
CA SER A 208 -4.34 7.86 -13.62
C SER A 208 -5.09 6.67 -13.01
N CYS A 209 -6.38 6.61 -13.25
CA CYS A 209 -7.14 5.41 -12.91
C CYS A 209 -6.95 4.29 -13.97
N CYS A 210 -6.28 4.57 -15.09
CA CYS A 210 -5.75 3.49 -15.97
C CYS A 210 -4.26 3.68 -16.10
N PRO A 211 -3.53 3.27 -15.05
CA PRO A 211 -2.11 3.58 -15.05
C PRO A 211 -1.37 2.71 -16.05
N ASN A 212 -0.19 3.16 -16.47
CA ASN A 212 0.64 2.38 -17.40
C ASN A 212 1.84 1.76 -16.73
N VAL A 213 1.97 1.96 -15.42
CA VAL A 213 3.01 1.31 -14.61
C VAL A 213 2.44 0.79 -13.27
N ILE A 214 3.21 -0.12 -12.68
CA ILE A 214 2.90 -0.70 -11.40
C ILE A 214 4.15 -0.70 -10.54
N VAL A 215 4.01 -0.37 -9.25
CA VAL A 215 5.13 -0.30 -8.30
C VAL A 215 5.14 -1.58 -7.45
N THR A 216 6.27 -2.26 -7.40
CA THR A 216 6.50 -3.44 -6.54
C THR A 216 7.78 -3.23 -5.76
N TYR A 217 8.05 -4.15 -4.83
CA TYR A 217 9.15 -4.04 -3.88
C TYR A 217 10.01 -5.30 -3.90
N LYS A 218 11.32 -5.10 -3.90
CA LYS A 218 12.30 -6.15 -3.72
C LYS A 218 13.15 -5.73 -2.51
N GLY A 219 12.81 -6.26 -1.34
CA GLY A 219 13.37 -5.76 -0.07
C GLY A 219 12.89 -4.33 0.11
N THR A 220 13.85 -3.40 0.16
CA THR A 220 13.56 -1.97 0.36
C THR A 220 13.67 -1.19 -0.94
N LEU A 221 13.81 -1.90 -2.06
CA LEU A 221 13.95 -1.26 -3.37
C LEU A 221 12.58 -1.23 -4.04
N ALA A 222 12.13 -0.05 -4.44
CA ALA A 222 10.92 0.05 -5.25
C ALA A 222 11.29 -0.19 -6.70
N GLU A 223 10.46 -0.95 -7.42
CA GLU A 223 10.64 -1.21 -8.85
C GLU A 223 9.38 -0.79 -9.59
N VAL A 224 9.56 -0.15 -10.74
CA VAL A 224 8.45 0.39 -11.52
C VAL A 224 8.49 -0.29 -12.88
N ARG A 225 7.47 -1.11 -13.16
CA ARG A 225 7.34 -1.84 -14.43
C ARG A 225 6.11 -1.44 -15.22
N ALA A 226 6.21 -1.49 -16.55
CA ALA A 226 5.08 -1.16 -17.42
C ALA A 226 4.02 -2.25 -17.42
N VAL A 227 2.77 -1.84 -17.33
CA VAL A 227 1.61 -2.71 -17.46
C VAL A 227 0.81 -2.45 -18.73
N GLN A 228 1.14 -1.37 -19.45
CA GLN A 228 0.71 -1.11 -20.82
C GLN A 228 1.94 -0.70 -21.62
N GLU A 229 1.84 -0.74 -22.94
CA GLU A 229 2.89 -0.24 -23.80
C GLU A 229 2.97 1.27 -23.59
N ILE A 230 4.19 1.78 -23.52
CA ILE A 230 4.46 3.20 -23.39
C ILE A 230 5.38 3.58 -24.56
N LYS A 231 4.99 4.62 -25.29
CA LYS A 231 5.70 5.10 -26.48
C LYS A 231 6.56 6.28 -26.07
N PRO A 232 7.58 6.62 -26.88
CA PRO A 232 8.41 7.79 -26.59
C PRO A 232 7.56 9.05 -26.45
N GLY A 233 7.83 9.88 -25.46
CA GLY A 233 7.08 11.10 -25.23
C GLY A 233 5.80 11.00 -24.40
N GLU A 234 5.31 9.78 -24.15
CA GLU A 234 4.13 9.58 -23.31
C GLU A 234 4.43 9.73 -21.82
N GLU A 235 3.48 10.32 -21.09
CA GLU A 235 3.60 10.43 -19.64
C GLU A 235 3.48 9.07 -18.93
N VAL A 236 4.25 8.90 -17.88
CA VAL A 236 4.23 7.69 -17.04
C VAL A 236 3.30 7.96 -15.86
N PHE A 237 2.26 7.14 -15.76
CA PHE A 237 1.22 7.27 -14.76
C PHE A 237 1.12 6.02 -13.88
N THR A 238 1.08 6.26 -12.57
CA THR A 238 0.82 5.24 -11.55
C THR A 238 -0.58 5.53 -11.04
N SER A 239 -1.13 4.68 -10.17
CA SER A 239 -2.36 5.02 -9.45
C SER A 239 -2.03 5.33 -8.01
N TYR A 240 -2.63 6.39 -7.48
CA TYR A 240 -2.50 6.75 -6.08
C TYR A 240 -3.50 6.04 -5.17
N ILE A 241 -4.54 5.44 -5.75
CA ILE A 241 -5.68 4.93 -4.98
CA ILE A 241 -5.69 4.93 -4.98
C ILE A 241 -6.11 3.54 -5.46
N ASP A 242 -6.97 2.91 -4.66
CA ASP A 242 -7.52 1.60 -4.92
C ASP A 242 -8.49 1.70 -6.09
N LEU A 243 -8.21 0.96 -7.14
CA LEU A 243 -9.00 1.07 -8.37
C LEU A 243 -10.29 0.23 -8.40
N LEU A 244 -10.60 -0.48 -7.31
CA LEU A 244 -11.86 -1.25 -7.25
C LEU A 244 -13.10 -0.36 -7.37
N TYR A 245 -13.05 0.81 -6.74
CA TYR A 245 -14.25 1.58 -6.48
C TYR A 245 -14.68 2.39 -7.68
N PRO A 246 -15.95 2.79 -7.70
CA PRO A 246 -16.41 3.60 -8.82
C PRO A 246 -15.93 5.05 -8.76
N THR A 247 -16.23 5.79 -9.82
CA THR A 247 -15.61 7.09 -10.09
C THR A 247 -15.73 8.08 -8.94
N GLU A 248 -16.92 8.20 -8.38
CA GLU A 248 -17.15 9.15 -7.28
C GLU A 248 -16.28 8.83 -6.08
N ASP A 249 -16.18 7.54 -5.74
CA ASP A 249 -15.40 7.12 -4.57
C ASP A 249 -13.91 7.34 -4.80
N ARG A 250 -13.42 7.03 -6.00
CA ARG A 250 -12.03 7.27 -6.34
C ARG A 250 -11.67 8.72 -6.18
N ASN A 251 -12.52 9.59 -6.72
CA ASN A 251 -12.30 11.02 -6.64
C ASN A 251 -12.51 11.59 -5.24
N ASP A 252 -13.37 10.98 -4.43
CA ASP A 252 -13.46 11.36 -3.01
C ASP A 252 -12.12 11.14 -2.30
N ARG A 253 -11.49 9.97 -2.52
CA ARG A 253 -10.21 9.66 -1.89
C ARG A 253 -9.12 10.60 -2.44
N LEU A 254 -9.10 10.83 -3.74
CA LEU A 254 -8.11 11.77 -4.32
C LEU A 254 -8.28 13.18 -3.75
N ARG A 255 -9.51 13.66 -3.70
CA ARG A 255 -9.77 14.99 -3.09
C ARG A 255 -9.32 15.07 -1.62
N ASP A 256 -9.65 14.08 -0.81
CA ASP A 256 -9.35 14.15 0.62
C ASP A 256 -7.87 14.07 0.94
N SER A 257 -7.08 13.40 0.12
CA SER A 257 -5.66 13.22 0.42
C SER A 257 -4.77 14.16 -0.34
N TYR A 258 -5.14 14.49 -1.59
CA TYR A 258 -4.28 15.26 -2.49
C TYR A 258 -4.87 16.51 -3.10
N PHE A 259 -6.14 16.77 -2.83
CA PHE A 259 -6.84 18.00 -3.21
C PHE A 259 -6.87 18.21 -4.70
N PHE A 260 -7.09 17.13 -5.44
CA PHE A 260 -7.38 17.23 -6.88
C PHE A 260 -8.33 16.13 -7.24
N THR A 261 -8.92 16.27 -8.43
CA THR A 261 -9.76 15.24 -9.01
C THR A 261 -9.25 14.86 -10.40
N CYS A 262 -9.49 13.60 -10.73
CA CYS A 262 -8.95 12.98 -11.90
C CYS A 262 -9.90 13.13 -13.10
N GLU A 263 -9.30 13.28 -14.28
CA GLU A 263 -10.01 13.41 -15.54
C GLU A 263 -9.59 12.35 -16.52
N CYS A 264 -9.11 11.20 -16.05
CA CYS A 264 -8.66 10.14 -16.94
C CYS A 264 -9.86 9.50 -17.70
N GLN A 265 -9.57 8.61 -18.64
CA GLN A 265 -10.62 8.02 -19.46
C GLN A 265 -11.66 7.27 -18.64
N GLU A 266 -11.23 6.58 -17.56
CA GLU A 266 -12.18 5.89 -16.67
C GLU A 266 -13.10 6.84 -15.95
N CYS A 267 -12.55 7.90 -15.38
CA CYS A 267 -13.36 8.92 -14.71
C CYS A 267 -14.26 9.72 -15.66
N THR A 268 -13.77 9.96 -16.89
N THR A 268 -13.82 9.98 -16.90
CA THR A 268 -14.52 10.67 -17.92
CA THR A 268 -14.66 10.73 -17.84
C THR A 268 -15.70 9.84 -18.44
C THR A 268 -15.75 9.84 -18.49
N THR A 269 -15.42 8.65 -18.97
CA THR A 269 -16.48 7.74 -19.49
C THR A 269 -17.36 7.09 -18.40
N LYS A 270 -16.75 6.79 -17.24
CA LYS A 270 -17.44 6.05 -16.16
C LYS A 270 -17.93 4.66 -16.60
N ASP A 271 -17.20 4.04 -17.52
CA ASP A 271 -17.61 2.78 -18.14
C ASP A 271 -17.84 1.67 -17.15
N LYS A 272 -16.95 1.57 -16.16
CA LYS A 272 -17.06 0.49 -15.19
C LYS A 272 -18.03 0.76 -14.05
N ASP A 273 -18.59 1.97 -13.94
CA ASP A 273 -19.41 2.34 -12.77
C ASP A 273 -20.66 1.48 -12.59
N LYS A 274 -21.39 1.25 -13.69
CA LYS A 274 -22.64 0.48 -13.64
C LYS A 274 -22.38 -0.92 -13.07
N ALA A 275 -21.38 -1.62 -13.61
CA ALA A 275 -21.01 -2.95 -13.12
C ALA A 275 -20.52 -2.94 -11.66
N LYS A 276 -19.78 -1.89 -11.28
CA LYS A 276 -19.24 -1.76 -9.95
C LYS A 276 -20.34 -1.61 -8.89
N VAL A 277 -21.46 -0.99 -9.25
CA VAL A 277 -22.57 -0.81 -8.28
C VAL A 277 -23.83 -1.57 -8.74
N GLU A 278 -23.62 -2.83 -9.13
CA GLU A 278 -24.64 -3.69 -9.74
C GLU A 278 -25.85 -3.91 -8.82
N ILE A 279 -27.02 -3.63 -9.36
CA ILE A 279 -28.28 -3.76 -8.64
C ILE A 279 -28.93 -5.09 -9.02
N ARG A 280 -29.54 -5.75 -8.07
CA ARG A 280 -30.22 -7.03 -8.36
C ARG A 280 -31.38 -6.83 -9.34
N LYS A 281 -31.49 -7.72 -10.32
CA LYS A 281 -32.57 -7.72 -11.31
C LYS A 281 -33.73 -8.56 -10.76
N LEU A 282 -34.56 -7.94 -9.91
CA LEU A 282 -35.66 -8.63 -9.22
C LEU A 282 -36.94 -8.57 -10.08
N SER A 283 -38.02 -9.18 -9.59
CA SER A 283 -39.34 -9.08 -10.25
C SER A 283 -39.82 -7.62 -10.21
N ASP A 284 -39.95 -7.06 -9.00
CA ASP A 284 -40.15 -5.63 -8.79
C ASP A 284 -38.78 -5.00 -8.53
N PRO A 285 -38.18 -4.30 -9.52
CA PRO A 285 -36.81 -3.79 -9.29
C PRO A 285 -36.72 -2.74 -8.17
N PRO A 286 -35.57 -2.67 -7.47
CA PRO A 286 -35.45 -1.66 -6.40
C PRO A 286 -35.66 -0.24 -6.93
N LYS A 287 -36.41 0.57 -6.19
CA LYS A 287 -36.67 1.97 -6.57
C LYS A 287 -35.39 2.81 -6.41
N ALA A 288 -35.28 3.88 -7.20
CA ALA A 288 -34.11 4.75 -7.17
C ALA A 288 -33.78 5.22 -5.75
N GLU A 289 -34.81 5.56 -4.98
CA GLU A 289 -34.63 6.00 -3.61
C GLU A 289 -33.95 4.94 -2.73
N ALA A 290 -34.43 3.70 -2.85
CA ALA A 290 -33.88 2.57 -2.11
C ALA A 290 -32.40 2.30 -2.44
N ILE A 291 -32.02 2.55 -3.69
CA ILE A 291 -30.66 2.38 -4.14
C ILE A 291 -29.78 3.44 -3.47
N ARG A 292 -30.17 4.71 -3.57
CA ARG A 292 -29.47 5.79 -2.84
C ARG A 292 -29.35 5.51 -1.35
N ASP A 293 -30.41 4.94 -0.78
CA ASP A 293 -30.40 4.57 0.64
C ASP A 293 -29.37 3.50 0.91
N MET A 294 -29.33 2.46 0.08
CA MET A 294 -28.40 1.34 0.30
C MET A 294 -26.94 1.73 0.02
N VAL A 295 -26.72 2.62 -0.94
CA VAL A 295 -25.37 3.15 -1.20
C VAL A 295 -24.89 3.90 0.05
N ARG A 296 -25.78 4.73 0.58
CA ARG A 296 -25.49 5.53 1.77
C ARG A 296 -25.15 4.65 2.97
N TYR A 297 -25.99 3.64 3.20
CA TYR A 297 -25.75 2.63 4.22
C TYR A 297 -24.40 1.91 4.02
N ALA A 298 -24.08 1.55 2.79
CA ALA A 298 -22.85 0.83 2.47
C ALA A 298 -21.60 1.67 2.81
N ARG A 299 -21.60 2.92 2.39
CA ARG A 299 -20.47 3.81 2.70
C ARG A 299 -20.31 4.06 4.20
N ASN A 300 -21.43 4.16 4.89
CA ASN A 300 -21.44 4.27 6.34
C ASN A 300 -20.82 3.07 7.01
N VAL A 301 -21.32 1.87 6.70
CA VAL A 301 -20.76 0.66 7.35
C VAL A 301 -19.30 0.43 7.01
N ILE A 302 -18.88 0.79 5.80
CA ILE A 302 -17.46 0.68 5.43
C ILE A 302 -16.60 1.55 6.35
N GLU A 303 -17.05 2.77 6.59
CA GLU A 303 -16.33 3.68 7.51
C GLU A 303 -16.48 3.23 8.97
N GLU A 304 -17.68 2.83 9.36
CA GLU A 304 -17.90 2.28 10.71
C GLU A 304 -16.94 1.10 10.98
N PHE A 305 -16.85 0.17 10.03
CA PHE A 305 -16.00 -1.01 10.18
C PHE A 305 -14.50 -0.70 10.30
N ARG A 306 -14.03 0.27 9.50
CA ARG A 306 -12.67 0.80 9.59
C ARG A 306 -12.35 1.24 11.03
N ARG A 307 -13.25 2.00 11.65
CA ARG A 307 -13.07 2.41 13.04
C ARG A 307 -13.17 1.22 13.99
N ALA A 308 -14.20 0.39 13.81
CA ALA A 308 -14.51 -0.73 14.74
C ALA A 308 -13.40 -1.75 14.92
N LYS A 309 -12.57 -1.92 13.91
CA LYS A 309 -11.50 -2.88 14.03
C LYS A 309 -10.39 -2.43 15.01
N HIS A 310 -10.43 -1.19 15.50
CA HIS A 310 -9.52 -0.75 16.56
C HIS A 310 -10.00 -1.12 17.97
N TYR A 311 -11.22 -1.65 18.12
CA TYR A 311 -11.70 -2.03 19.45
C TYR A 311 -12.76 -3.12 19.54
N LYS A 312 -13.07 -3.83 18.46
CA LYS A 312 -14.00 -4.95 18.57
C LYS A 312 -13.30 -6.28 18.42
N SER A 313 -13.91 -7.31 18.96
CA SER A 313 -13.38 -8.66 18.87
C SER A 313 -13.54 -9.19 17.42
N PRO A 314 -12.72 -10.20 17.06
CA PRO A 314 -12.84 -10.85 15.74
C PRO A 314 -14.25 -11.30 15.43
N SER A 315 -14.92 -11.93 16.39
CA SER A 315 -16.27 -12.46 16.15
C SER A 315 -17.31 -11.34 15.95
N GLU A 316 -17.15 -10.24 16.68
CA GLU A 316 -18.03 -9.08 16.50
C GLU A 316 -17.82 -8.46 15.12
N LEU A 317 -16.56 -8.35 14.70
CA LEU A 317 -16.24 -7.82 13.37
C LEU A 317 -16.89 -8.69 12.26
N LEU A 318 -16.76 -9.99 12.38
CA LEU A 318 -17.39 -10.91 11.42
C LEU A 318 -18.89 -10.78 11.42
N GLU A 319 -19.47 -10.56 12.60
CA GLU A 319 -20.90 -10.29 12.67
C GLU A 319 -21.32 -9.04 11.90
N ILE A 320 -20.55 -7.96 12.01
CA ILE A 320 -20.86 -6.74 11.24
C ILE A 320 -20.78 -7.04 9.74
N CYS A 321 -19.73 -7.76 9.32
CA CYS A 321 -19.61 -8.18 7.90
C CYS A 321 -20.80 -8.98 7.45
N GLU A 322 -21.21 -9.96 8.26
CA GLU A 322 -22.28 -10.84 7.84
C GLU A 322 -23.60 -10.09 7.75
N LEU A 323 -23.88 -9.29 8.78
CA LEU A 323 -25.13 -8.55 8.83
C LEU A 323 -25.20 -7.50 7.73
N SER A 324 -24.12 -6.78 7.48
CA SER A 324 -24.11 -5.80 6.40
C SER A 324 -24.31 -6.47 5.03
N GLN A 325 -23.71 -7.64 4.83
CA GLN A 325 -23.89 -8.37 3.58
C GLN A 325 -25.33 -8.83 3.37
N GLU A 326 -25.98 -9.25 4.46
CA GLU A 326 -27.38 -9.68 4.40
C GLU A 326 -28.27 -8.50 4.03
N LYS A 327 -28.08 -7.38 4.73
CA LYS A 327 -28.85 -6.17 4.44
C LYS A 327 -28.63 -5.70 3.00
N MET A 328 -27.36 -5.58 2.58
CA MET A 328 -27.07 -5.10 1.22
C MET A 328 -27.60 -6.03 0.11
N SER A 329 -27.62 -7.33 0.37
N SER A 329 -27.64 -7.32 0.38
CA SER A 329 -28.09 -8.31 -0.64
CA SER A 329 -28.09 -8.31 -0.61
C SER A 329 -29.57 -8.18 -1.06
C SER A 329 -29.57 -8.20 -1.03
N SER A 330 -30.39 -7.41 -0.33
CA SER A 330 -31.75 -7.10 -0.79
C SER A 330 -31.75 -6.23 -2.05
N VAL A 331 -30.70 -5.42 -2.24
CA VAL A 331 -30.59 -4.52 -3.38
C VAL A 331 -29.36 -4.79 -4.30
N PHE A 332 -28.22 -5.16 -3.72
CA PHE A 332 -26.96 -5.28 -4.46
C PHE A 332 -26.64 -6.73 -4.83
N GLU A 333 -26.13 -6.92 -6.04
CA GLU A 333 -25.53 -8.22 -6.43
C GLU A 333 -24.22 -8.44 -5.67
N ASP A 334 -23.81 -9.70 -5.59
CA ASP A 334 -22.57 -10.10 -4.91
C ASP A 334 -21.30 -9.52 -5.57
N SER A 335 -21.35 -9.30 -6.88
CA SER A 335 -20.26 -8.64 -7.60
C SER A 335 -20.13 -7.12 -7.35
N ASN A 336 -21.13 -6.51 -6.71
CA ASN A 336 -21.13 -5.08 -6.34
C ASN A 336 -19.94 -4.76 -5.40
N VAL A 337 -19.24 -3.64 -5.65
CA VAL A 337 -18.00 -3.37 -4.93
C VAL A 337 -18.16 -3.16 -3.41
N TYR A 338 -19.32 -2.69 -2.97
CA TYR A 338 -19.57 -2.54 -1.53
C TYR A 338 -19.72 -3.90 -0.83
N MET A 339 -20.35 -4.86 -1.52
CA MET A 339 -20.42 -6.24 -1.03
C MET A 339 -19.05 -6.90 -1.01
N LEU A 340 -18.29 -6.69 -2.07
CA LEU A 340 -16.95 -7.23 -2.16
C LEU A 340 -16.09 -6.66 -1.04
N HIS A 341 -16.21 -5.36 -0.79
CA HIS A 341 -15.53 -4.75 0.34
C HIS A 341 -15.73 -5.56 1.62
N MET A 342 -16.98 -5.80 1.98
CA MET A 342 -17.29 -6.47 3.25
C MET A 342 -16.91 -7.96 3.23
N MET A 343 -17.03 -8.58 2.07
CA MET A 343 -16.59 -9.96 1.89
C MET A 343 -15.08 -10.07 2.09
N TYR A 344 -14.34 -9.08 1.59
CA TYR A 344 -12.92 -9.02 1.78
C TYR A 344 -12.51 -8.84 3.25
N GLN A 345 -13.17 -7.93 3.97
CA GLN A 345 -12.94 -7.80 5.42
C GLN A 345 -13.27 -9.08 6.19
N ALA A 346 -14.39 -9.72 5.83
CA ALA A 346 -14.79 -11.00 6.41
C ALA A 346 -13.74 -12.09 6.19
N MET A 347 -13.23 -12.18 4.95
CA MET A 347 -12.15 -13.14 4.65
C MET A 347 -10.95 -12.94 5.56
N GLY A 348 -10.54 -11.68 5.75
CA GLY A 348 -9.40 -11.37 6.63
C GLY A 348 -9.66 -11.78 8.08
N VAL A 349 -10.88 -11.54 8.56
CA VAL A 349 -11.27 -12.00 9.89
C VAL A 349 -11.20 -13.52 10.00
N CYS A 350 -11.73 -14.22 9.00
CA CYS A 350 -11.61 -15.68 8.90
C CYS A 350 -10.17 -16.20 8.96
N LEU A 351 -9.28 -15.57 8.19
CA LEU A 351 -7.85 -15.89 8.19
C LEU A 351 -7.24 -15.67 9.57
N TYR A 352 -7.58 -14.54 10.20
CA TYR A 352 -7.11 -14.23 11.55
C TYR A 352 -7.52 -15.30 12.58
N MET A 353 -8.74 -15.82 12.45
CA MET A 353 -9.28 -16.87 13.31
C MET A 353 -8.87 -18.30 12.89
N GLN A 354 -8.05 -18.41 11.85
CA GLN A 354 -7.67 -19.71 11.28
C GLN A 354 -8.86 -20.57 10.85
N ASP A 355 -9.92 -19.91 10.36
CA ASP A 355 -11.05 -20.59 9.75
C ASP A 355 -10.71 -20.59 8.24
N TRP A 356 -9.95 -21.59 7.85
CA TRP A 356 -9.46 -21.70 6.49
C TRP A 356 -10.58 -21.94 5.49
N GLU A 357 -11.56 -22.76 5.85
CA GLU A 357 -12.67 -23.03 4.94
C GLU A 357 -13.50 -21.79 4.68
N GLY A 358 -13.77 -21.04 5.74
CA GLY A 358 -14.58 -19.84 5.62
C GLY A 358 -13.87 -18.80 4.78
N ALA A 359 -12.58 -18.59 5.06
CA ALA A 359 -11.77 -17.68 4.28
C ALA A 359 -11.77 -18.11 2.79
N LEU A 360 -11.56 -19.40 2.55
CA LEU A 360 -11.61 -19.93 1.19
C LEU A 360 -12.94 -19.64 0.47
N GLN A 361 -14.06 -19.86 1.16
CA GLN A 361 -15.38 -19.59 0.57
C GLN A 361 -15.57 -18.12 0.21
N TYR A 362 -15.10 -17.23 1.08
CA TYR A 362 -15.16 -15.81 0.76
C TYR A 362 -14.30 -15.48 -0.48
N GLY A 363 -13.08 -16.00 -0.50
CA GLY A 363 -12.19 -15.84 -1.65
C GLY A 363 -12.77 -16.27 -2.98
N GLN A 364 -13.44 -17.40 -2.96
CA GLN A 364 -14.04 -17.92 -4.19
C GLN A 364 -15.09 -17.01 -4.77
N LYS A 365 -15.83 -16.29 -3.92
CA LYS A 365 -16.84 -15.31 -4.36
C LYS A 365 -16.25 -13.98 -4.78
N ILE A 366 -15.09 -13.62 -4.22
CA ILE A 366 -14.44 -12.36 -4.54
C ILE A 366 -13.71 -12.39 -5.89
N ILE A 367 -13.10 -13.51 -6.21
CA ILE A 367 -12.07 -13.52 -7.26
C ILE A 367 -12.56 -13.10 -8.65
N LYS A 368 -13.70 -13.62 -9.11
CA LYS A 368 -14.12 -13.31 -10.49
C LYS A 368 -14.56 -11.85 -10.64
N PRO A 369 -15.33 -11.31 -9.68
CA PRO A 369 -15.59 -9.87 -9.68
C PRO A 369 -14.31 -8.98 -9.63
N TYR A 370 -13.33 -9.33 -8.77
CA TYR A 370 -12.01 -8.64 -8.76
C TYR A 370 -11.39 -8.58 -10.15
N SER A 371 -11.33 -9.74 -10.80
CA SER A 371 -10.79 -9.87 -12.16
C SER A 371 -11.44 -8.91 -13.13
N LYS A 372 -12.74 -8.67 -12.99
CA LYS A 372 -13.45 -7.78 -13.90
C LYS A 372 -13.31 -6.32 -13.51
N HIS A 373 -13.28 -6.03 -12.20
CA HIS A 373 -13.30 -4.64 -11.72
C HIS A 373 -11.91 -4.00 -11.73
N TYR A 374 -10.87 -4.76 -11.43
CA TYR A 374 -9.51 -4.24 -11.51
C TYR A 374 -8.96 -4.32 -12.94
N PRO A 375 -7.90 -3.55 -13.26
CA PRO A 375 -7.22 -3.74 -14.54
C PRO A 375 -6.42 -5.03 -14.63
N LEU A 376 -5.94 -5.30 -15.84
CA LEU A 376 -5.25 -6.56 -16.19
C LEU A 376 -4.22 -7.12 -15.21
N TYR A 377 -3.22 -6.32 -14.88
CA TYR A 377 -2.10 -6.79 -14.08
C TYR A 377 -2.11 -6.32 -12.63
N SER A 378 -3.30 -6.26 -12.04
CA SER A 378 -3.49 -5.79 -10.69
C SER A 378 -2.83 -6.70 -9.64
N LEU A 379 -2.12 -6.08 -8.69
CA LEU A 379 -1.60 -6.80 -7.51
C LEU A 379 -2.70 -7.29 -6.58
N ASN A 380 -3.84 -6.60 -6.59
CA ASN A 380 -4.97 -6.98 -5.74
C ASN A 380 -5.55 -8.30 -6.23
N VAL A 381 -5.60 -8.45 -7.55
CA VAL A 381 -6.06 -9.68 -8.19
C VAL A 381 -5.03 -10.81 -7.97
N ALA A 382 -3.76 -10.50 -8.17
CA ALA A 382 -2.71 -11.50 -8.00
C ALA A 382 -2.62 -12.03 -6.58
N SER A 383 -2.75 -11.13 -5.61
N SER A 383 -2.76 -11.15 -5.61
CA SER A 383 -2.69 -11.47 -4.19
CA SER A 383 -2.65 -11.53 -4.21
C SER A 383 -3.84 -12.39 -3.80
C SER A 383 -3.85 -12.39 -3.78
N MET A 384 -5.03 -12.12 -4.36
CA MET A 384 -6.21 -12.93 -4.10
C MET A 384 -6.07 -14.36 -4.69
N TRP A 385 -5.55 -14.48 -5.91
CA TRP A 385 -5.28 -15.82 -6.45
C TRP A 385 -4.31 -16.63 -5.60
N LEU A 386 -3.28 -15.94 -5.12
CA LEU A 386 -2.27 -16.54 -4.27
C LEU A 386 -2.83 -17.03 -2.96
N LYS A 387 -3.64 -16.19 -2.32
CA LYS A 387 -4.36 -16.60 -1.09
C LYS A 387 -5.25 -17.80 -1.34
N LEU A 388 -6.03 -17.75 -2.42
CA LEU A 388 -6.85 -18.90 -2.81
C LEU A 388 -6.03 -20.15 -2.98
N GLY A 389 -4.99 -20.03 -3.79
CA GLY A 389 -4.06 -21.13 -4.03
C GLY A 389 -3.52 -21.75 -2.76
N ARG A 390 -3.01 -20.91 -1.86
CA ARG A 390 -2.47 -21.39 -0.60
C ARG A 390 -3.51 -22.05 0.30
N LEU A 391 -4.72 -21.49 0.30
CA LEU A 391 -5.83 -22.10 1.05
C LEU A 391 -6.22 -23.46 0.46
N TYR A 392 -6.40 -23.51 -0.85
CA TYR A 392 -6.67 -24.76 -1.55
C TYR A 392 -5.58 -25.81 -1.21
N MET A 393 -4.32 -25.44 -1.37
CA MET A 393 -3.24 -26.37 -1.04
C MET A 393 -3.32 -26.88 0.39
N GLY A 394 -3.52 -25.97 1.35
CA GLY A 394 -3.60 -26.33 2.75
C GLY A 394 -4.76 -27.26 3.08
N LEU A 395 -5.86 -27.13 2.34
CA LEU A 395 -7.05 -27.96 2.55
C LEU A 395 -7.07 -29.17 1.60
N GLU A 396 -5.93 -29.46 0.98
CA GLU A 396 -5.71 -30.62 0.10
C GLU A 396 -6.55 -30.63 -1.16
N HIS A 397 -6.80 -29.46 -1.76
CA HIS A 397 -7.39 -29.37 -3.10
C HIS A 397 -6.25 -28.99 -4.05
N LYS A 398 -5.42 -29.98 -4.35
CA LYS A 398 -4.15 -29.73 -5.01
C LYS A 398 -4.28 -29.22 -6.42
N ALA A 399 -5.23 -29.73 -7.18
CA ALA A 399 -5.41 -29.26 -8.56
C ALA A 399 -5.91 -27.81 -8.57
N ALA A 400 -6.93 -27.51 -7.77
CA ALA A 400 -7.45 -26.12 -7.72
C ALA A 400 -6.36 -25.12 -7.25
N GLY A 401 -5.52 -25.56 -6.31
CA GLY A 401 -4.42 -24.77 -5.77
C GLY A 401 -3.37 -24.46 -6.80
N GLU A 402 -2.94 -25.49 -7.52
CA GLU A 402 -2.00 -25.32 -8.59
C GLU A 402 -2.51 -24.35 -9.65
N LYS A 403 -3.78 -24.48 -10.01
CA LYS A 403 -4.34 -23.57 -10.98
C LYS A 403 -4.31 -22.11 -10.48
N ALA A 404 -4.71 -21.90 -9.21
CA ALA A 404 -4.76 -20.54 -8.66
C ALA A 404 -3.38 -19.94 -8.53
N LEU A 405 -2.42 -20.73 -8.08
CA LEU A 405 -1.04 -20.26 -7.99
C LEU A 405 -0.45 -19.87 -9.36
N LYS A 406 -0.84 -20.60 -10.39
CA LYS A 406 -0.44 -20.24 -11.75
C LYS A 406 -1.06 -18.92 -12.24
N LYS A 407 -2.30 -18.66 -11.86
CA LYS A 407 -2.92 -17.37 -12.20
C LYS A 407 -2.15 -16.21 -11.50
N ALA A 408 -1.68 -16.45 -10.27
CA ALA A 408 -0.91 -15.48 -9.51
C ALA A 408 0.41 -15.21 -10.20
N ILE A 409 1.11 -16.29 -10.53
CA ILE A 409 2.37 -16.20 -11.23
C ILE A 409 2.27 -15.44 -12.53
N ALA A 410 1.23 -15.69 -13.33
CA ALA A 410 1.14 -15.06 -14.64
C ALA A 410 0.99 -13.53 -14.50
N ILE A 411 0.35 -13.08 -13.43
CA ILE A 411 0.31 -11.64 -13.16
C ILE A 411 1.65 -11.16 -12.62
N MET A 412 2.21 -11.88 -11.65
CA MET A 412 3.43 -11.43 -10.99
C MET A 412 4.69 -11.38 -11.88
N GLU A 413 4.77 -12.24 -12.88
CA GLU A 413 5.89 -12.18 -13.84
C GLU A 413 5.99 -10.80 -14.52
N VAL A 414 4.83 -10.25 -14.83
CA VAL A 414 4.75 -8.94 -15.43
C VAL A 414 5.09 -7.86 -14.39
N ALA A 415 4.36 -7.86 -13.29
CA ALA A 415 4.48 -6.84 -12.25
C ALA A 415 5.81 -6.85 -11.52
N HIS A 416 6.27 -8.03 -11.11
CA HIS A 416 7.45 -8.19 -10.28
C HIS A 416 8.71 -8.53 -11.05
N GLY A 417 8.57 -8.95 -12.31
CA GLY A 417 9.71 -9.50 -13.06
C GLY A 417 9.79 -11.01 -12.85
N LYS A 418 10.18 -11.74 -13.90
CA LYS A 418 10.13 -13.22 -13.88
C LYS A 418 11.12 -13.84 -12.87
N ASP A 419 12.15 -13.09 -12.53
CA ASP A 419 13.21 -13.51 -11.61
C ASP A 419 12.98 -13.12 -10.13
N HIS A 420 11.84 -12.50 -9.80
CA HIS A 420 11.59 -11.99 -8.44
C HIS A 420 11.56 -13.17 -7.48
N PRO A 421 12.21 -13.07 -6.31
CA PRO A 421 12.20 -14.19 -5.35
C PRO A 421 10.81 -14.70 -4.93
N TYR A 422 9.81 -13.82 -4.92
CA TYR A 422 8.44 -14.26 -4.63
C TYR A 422 7.99 -15.35 -5.58
N ILE A 423 8.31 -15.18 -6.86
CA ILE A 423 7.89 -16.13 -7.89
C ILE A 423 8.59 -17.48 -7.73
N SER A 424 9.89 -17.46 -7.41
CA SER A 424 10.62 -18.69 -7.11
C SER A 424 10.00 -19.44 -5.95
N GLU A 425 9.63 -18.71 -4.90
CA GLU A 425 8.93 -19.32 -3.76
C GLU A 425 7.61 -19.94 -4.15
N ILE A 426 6.84 -19.27 -4.99
CA ILE A 426 5.53 -19.80 -5.40
C ILE A 426 5.66 -21.04 -6.29
N LYS A 427 6.66 -21.06 -7.16
CA LYS A 427 6.99 -22.26 -7.99
C LYS A 427 7.34 -23.46 -7.12
N GLN A 428 8.18 -23.24 -6.10
CA GLN A 428 8.44 -24.26 -5.07
C GLN A 428 7.15 -24.84 -4.42
N GLU A 429 6.14 -24.01 -4.20
CA GLU A 429 4.87 -24.45 -3.59
C GLU A 429 4.04 -25.33 -4.51
N ILE A 430 4.17 -25.09 -5.81
CA ILE A 430 3.52 -25.93 -6.82
C ILE A 430 4.12 -27.33 -6.84
N GLU A 431 5.44 -27.42 -6.75
CA GLU A 431 6.15 -28.70 -6.63
C GLU A 431 5.99 -29.28 -5.19
N SER A 432 6.62 -28.64 -4.20
CA SER A 432 6.43 -28.99 -2.78
C SER A 432 5.04 -28.57 -2.26
#